data_3VC7
#
_entry.id   3VC7
#
_cell.length_a   59.074
_cell.length_b   119.301
_cell.length_c   64.128
_cell.angle_alpha   90.00
_cell.angle_beta   110.09
_cell.angle_gamma   90.00
#
_symmetry.space_group_name_H-M   'C 1 2 1'
#
loop_
_entity.id
_entity.type
_entity.pdbx_description
1 polymer 'Putative oxidoreductase'
2 non-polymer GLYCEROL
3 water water
#
_entity_poly.entity_id   1
_entity_poly.type   'polypeptide(L)'
_entity_poly.pdbx_seq_one_letter_code
;(MSE)VGNYQGKKAIVIGGTHG(MSE)GLATVRRLVEGGAEVLLTGRNESNIARIREEFGPRVHALRSDIADLNEIAVLG
AAAGQTLGAIDLLHINAGVSELEPFDQVSEASYDRQFAVNTKGAFFTVQRLTPLIREGGSIVFTSSVADEGGHPG(MSE)
SVYSASKAALVSFASVLAAELLPRGIRVNSVSPGFIDTPTKGVAGITEAERAEFKTLGDNITP(MSE)KRNGTADEVARA
VLFLAFEATFTTGAKLAVDGGLGQKLSTAA
;
_entity_poly.pdbx_strand_id   A,B
#
# COMPACT_ATOMS: atom_id res chain seq x y z
N ASN A 4 0.62 -26.27 25.08
CA ASN A 4 1.30 -26.21 23.80
C ASN A 4 1.83 -24.82 23.44
N TYR A 5 1.53 -23.84 24.28
CA TYR A 5 2.07 -22.50 24.12
C TYR A 5 2.91 -22.13 25.34
N GLN A 6 3.37 -23.15 26.06
CA GLN A 6 4.14 -22.98 27.29
C GLN A 6 5.44 -22.20 27.05
N GLY A 7 5.67 -21.19 27.89
CA GLY A 7 6.89 -20.41 27.80
C GLY A 7 6.82 -19.31 26.75
N LYS A 8 5.86 -19.42 25.85
CA LYS A 8 5.71 -18.42 24.79
C LYS A 8 5.15 -17.10 25.31
N LYS A 9 5.73 -16.00 24.84
CA LYS A 9 5.24 -14.68 25.18
C LYS A 9 4.74 -14.00 23.91
N ALA A 10 3.54 -13.44 23.98
CA ALA A 10 2.91 -12.84 22.82
C ALA A 10 2.40 -11.42 23.08
N ILE A 11 2.54 -10.57 22.07
CA ILE A 11 1.92 -9.26 22.10
C ILE A 11 0.85 -9.20 21.02
N VAL A 12 -0.37 -8.84 21.41
CA VAL A 12 -1.45 -8.70 20.44
C VAL A 12 -1.93 -7.26 20.38
N ILE A 13 -1.52 -6.54 19.34
CA ILE A 13 -1.93 -5.16 19.14
C ILE A 13 -3.36 -5.12 18.62
N GLY A 14 -4.29 -4.65 19.45
CA GLY A 14 -5.70 -4.66 19.12
C GLY A 14 -6.36 -5.98 19.48
N GLY A 15 -6.14 -6.42 20.73
CA GLY A 15 -6.62 -7.70 21.17
C GLY A 15 -7.84 -7.67 22.07
N THR A 16 -8.55 -6.55 22.10
CA THR A 16 -9.70 -6.42 22.99
C THR A 16 -10.99 -6.87 22.33
N HIS A 17 -10.97 -7.02 21.02
CA HIS A 17 -12.19 -7.28 20.26
C HIS A 17 -12.00 -8.32 19.13
N GLY A 18 -13.04 -9.12 18.90
CA GLY A 18 -13.13 -9.99 17.75
C GLY A 18 -11.95 -10.91 17.50
N GLY A 20 -8.72 -10.30 17.28
CA GLY A 20 -7.67 -10.09 18.25
C GLY A 20 -7.97 -10.82 19.55
N LEU A 21 -9.19 -10.63 20.06
CA LEU A 21 -9.62 -11.28 21.29
C LEU A 21 -9.66 -12.80 21.15
N ALA A 22 -10.06 -13.29 19.97
CA ALA A 22 -10.09 -14.73 19.72
C ALA A 22 -8.68 -15.32 19.79
N THR A 23 -7.72 -14.59 19.22
CA THR A 23 -6.32 -14.98 19.26
C THR A 23 -5.80 -14.98 20.68
N VAL A 24 -6.16 -13.93 21.43
CA VAL A 24 -5.80 -13.81 22.83
C VAL A 24 -6.35 -14.99 23.63
N ARG A 25 -7.62 -15.31 23.43
CA ARG A 25 -8.24 -16.42 24.14
C ARG A 25 -7.47 -17.72 23.92
N ARG A 26 -7.17 -18.03 22.66
CA ARG A 26 -6.42 -19.25 22.34
C ARG A 26 -5.02 -19.25 22.94
N LEU A 27 -4.36 -18.10 22.90
CA LEU A 27 -3.03 -17.97 23.48
C LEU A 27 -3.08 -18.26 24.96
N VAL A 28 -4.08 -17.71 25.63
CA VAL A 28 -4.25 -17.90 27.05
C VAL A 28 -4.52 -19.36 27.43
N GLU A 29 -5.46 -20.00 26.73
CA GLU A 29 -5.81 -21.39 27.02
C GLU A 29 -4.61 -22.31 26.80
N GLY A 30 -3.68 -21.90 25.95
CA GLY A 30 -2.50 -22.69 25.65
C GLY A 30 -1.35 -22.45 26.60
N GLY A 31 -1.53 -21.54 27.55
CA GLY A 31 -0.54 -21.28 28.58
C GLY A 31 0.51 -20.24 28.25
N ALA A 32 0.22 -19.39 27.27
CA ALA A 32 1.15 -18.32 26.88
C ALA A 32 0.97 -17.06 27.72
N GLU A 33 2.06 -16.33 27.93
CA GLU A 33 1.98 -15.02 28.55
C GLU A 33 1.62 -13.99 27.48
N VAL A 34 0.60 -13.19 27.74
CA VAL A 34 0.09 -12.28 26.73
C VAL A 34 0.00 -10.83 27.24
N LEU A 35 0.51 -9.91 26.42
CA LEU A 35 0.22 -8.50 26.59
C LEU A 35 -0.65 -8.09 25.40
N LEU A 36 -1.73 -7.35 25.65
CA LEU A 36 -2.59 -6.92 24.56
C LEU A 36 -2.94 -5.45 24.70
N THR A 37 -3.18 -4.79 23.57
CA THR A 37 -3.58 -3.39 23.60
C THR A 37 -4.93 -3.16 22.96
N GLY A 38 -5.46 -1.95 23.15
CA GLY A 38 -6.76 -1.59 22.64
C GLY A 38 -7.00 -0.10 22.79
N ARG A 39 -7.56 0.50 21.75
CA ARG A 39 -7.90 1.91 21.73
C ARG A 39 -8.90 2.30 22.83
N ASN A 40 -10.00 1.55 22.90
CA ASN A 40 -11.13 1.89 23.79
C ASN A 40 -10.98 1.31 25.19
N GLU A 41 -11.36 2.09 26.21
CA GLU A 41 -11.06 1.76 27.60
C GLU A 41 -12.12 0.88 28.24
N SER A 42 -13.35 0.96 27.73
CA SER A 42 -14.40 0.04 28.17
C SER A 42 -14.03 -1.38 27.78
N ASN A 43 -13.40 -1.53 26.62
CA ASN A 43 -12.89 -2.83 26.19
C ASN A 43 -11.76 -3.33 27.10
N ILE A 44 -10.82 -2.44 27.41
CA ILE A 44 -9.68 -2.80 28.25
C ILE A 44 -10.14 -3.22 29.64
N ALA A 45 -11.13 -2.51 30.18
CA ALA A 45 -11.69 -2.85 31.47
C ALA A 45 -12.44 -4.18 31.41
N ARG A 46 -13.21 -4.38 30.34
CA ARG A 46 -13.93 -5.62 30.12
C ARG A 46 -12.97 -6.81 30.06
N ILE A 47 -11.83 -6.60 29.42
CA ILE A 47 -10.78 -7.61 29.33
C ILE A 47 -10.22 -7.98 30.71
N ARG A 48 -9.83 -6.95 31.46
CA ARG A 48 -9.27 -7.15 32.80
C ARG A 48 -10.25 -7.86 33.71
N GLU A 49 -11.54 -7.64 33.46
CA GLU A 49 -12.60 -8.35 34.17
C GLU A 49 -12.53 -9.83 33.84
N GLU A 50 -12.43 -10.13 32.55
CA GLU A 50 -12.50 -11.50 32.08
C GLU A 50 -11.24 -12.32 32.40
N PHE A 51 -10.08 -11.70 32.29
CA PHE A 51 -8.81 -12.43 32.40
C PHE A 51 -8.05 -12.18 33.69
N GLY A 52 -8.18 -10.98 34.25
CA GLY A 52 -7.48 -10.63 35.47
C GLY A 52 -5.98 -10.54 35.27
N PRO A 53 -5.21 -11.20 36.15
CA PRO A 53 -3.74 -11.25 36.04
C PRO A 53 -3.25 -12.29 35.04
N ARG A 54 -4.16 -12.94 34.34
CA ARG A 54 -3.79 -13.96 33.37
C ARG A 54 -3.14 -13.32 32.13
N VAL A 55 -3.62 -12.12 31.78
CA VAL A 55 -3.03 -11.36 30.70
C VAL A 55 -2.77 -9.91 31.13
N HIS A 56 -1.86 -9.24 30.43
CA HIS A 56 -1.63 -7.83 30.66
C HIS A 56 -2.34 -7.00 29.59
N ALA A 57 -3.37 -6.26 29.99
CA ALA A 57 -4.10 -5.39 29.08
C ALA A 57 -3.60 -3.97 29.22
N LEU A 58 -3.52 -3.25 28.11
CA LEU A 58 -2.93 -1.93 28.12
C LEU A 58 -3.63 -1.04 27.13
N ARG A 59 -4.21 0.05 27.62
CA ARG A 59 -4.84 1.03 26.75
C ARG A 59 -3.76 1.75 25.95
N SER A 60 -3.90 1.75 24.64
CA SER A 60 -2.90 2.36 23.77
C SER A 60 -3.48 2.64 22.38
N ASP A 61 -3.23 3.83 21.87
CA ASP A 61 -3.65 4.22 20.53
C ASP A 61 -2.49 3.96 19.57
N ILE A 62 -2.69 3.01 18.66
CA ILE A 62 -1.65 2.64 17.71
C ILE A 62 -1.24 3.81 16.81
N ALA A 63 -2.17 4.75 16.60
CA ALA A 63 -1.92 5.92 15.76
C ALA A 63 -1.03 6.98 16.44
N ASP A 64 -0.95 6.94 17.76
CA ASP A 64 -0.18 7.94 18.50
C ASP A 64 1.26 7.45 18.74
N LEU A 65 2.21 8.07 18.05
CA LEU A 65 3.61 7.65 18.12
C LEU A 65 4.21 7.78 19.53
N ASN A 66 3.67 8.71 20.32
CA ASN A 66 4.08 8.83 21.71
C ASN A 66 3.60 7.64 22.54
N GLU A 67 2.38 7.20 22.26
CA GLU A 67 1.81 6.09 23.00
C GLU A 67 2.51 4.79 22.63
N ILE A 68 3.07 4.76 21.43
CA ILE A 68 3.87 3.63 20.98
C ILE A 68 5.11 3.50 21.84
N ALA A 69 5.68 4.64 22.22
CA ALA A 69 6.84 4.67 23.10
C ALA A 69 6.52 4.09 24.48
N VAL A 70 5.38 4.48 25.03
CA VAL A 70 4.92 3.94 26.30
C VAL A 70 4.80 2.43 26.18
N LEU A 71 4.19 1.99 25.08
CA LEU A 71 3.98 0.58 24.79
C LEU A 71 5.30 -0.19 24.80
N GLY A 72 6.33 0.36 24.15
CA GLY A 72 7.64 -0.26 24.12
C GLY A 72 8.20 -0.51 25.51
N ALA A 73 8.15 0.51 26.36
CA ALA A 73 8.60 0.36 27.75
C ALA A 73 7.77 -0.69 28.48
N ALA A 74 6.46 -0.60 28.32
CA ALA A 74 5.54 -1.52 28.98
C ALA A 74 5.87 -2.96 28.64
N ALA A 75 5.99 -3.23 27.35
CA ALA A 75 6.31 -4.57 26.85
C ALA A 75 7.62 -5.09 27.43
N GLY A 76 8.64 -4.25 27.45
CA GLY A 76 9.95 -4.62 27.95
C GLY A 76 9.93 -4.95 29.43
N GLN A 77 9.21 -4.14 30.20
CA GLN A 77 9.10 -4.32 31.64
C GLN A 77 8.17 -5.47 31.99
N THR A 78 7.24 -5.77 31.10
CA THR A 78 6.25 -6.81 31.34
C THR A 78 6.73 -8.17 30.85
N LEU A 79 6.94 -8.29 29.55
CA LEU A 79 7.32 -9.56 28.94
C LEU A 79 8.84 -9.75 28.90
N GLY A 80 9.55 -8.74 28.38
CA GLY A 80 11.00 -8.78 28.33
C GLY A 80 11.52 -9.23 26.99
N ALA A 81 10.90 -10.25 26.43
CA ALA A 81 11.26 -10.80 25.13
C ALA A 81 10.02 -11.48 24.61
N ILE A 82 9.77 -11.43 23.32
CA ILE A 82 8.55 -12.04 22.82
C ILE A 82 8.78 -13.04 21.69
N ASP A 83 7.82 -13.94 21.52
CA ASP A 83 7.90 -14.96 20.49
C ASP A 83 6.98 -14.61 19.34
N LEU A 84 5.90 -13.92 19.65
CA LEU A 84 4.94 -13.51 18.64
C LEU A 84 4.51 -12.06 18.83
N LEU A 85 4.59 -11.28 17.76
CA LEU A 85 3.96 -9.98 17.71
C LEU A 85 2.86 -10.03 16.67
N HIS A 86 1.62 -9.96 17.12
CA HIS A 86 0.48 -9.99 16.23
C HIS A 86 -0.15 -8.60 16.10
N ILE A 87 -0.11 -8.04 14.89
CA ILE A 87 -0.69 -6.73 14.63
C ILE A 87 -2.10 -6.89 14.08
N ASN A 88 -3.09 -6.55 14.89
CA ASN A 88 -4.48 -6.78 14.51
C ASN A 88 -5.28 -5.54 14.11
N ALA A 89 -5.06 -4.44 14.84
CA ALA A 89 -5.88 -3.23 14.72
C ALA A 89 -6.10 -2.72 13.29
N GLY A 90 -7.28 -2.16 13.03
CA GLY A 90 -7.62 -1.63 11.73
C GLY A 90 -8.94 -0.87 11.73
N VAL A 91 -8.99 0.26 11.03
CA VAL A 91 -10.23 1.01 10.89
C VAL A 91 -10.55 1.27 9.43
N SER A 92 -11.83 1.43 9.12
CA SER A 92 -12.24 1.81 7.78
C SER A 92 -13.36 2.84 7.79
N GLU A 93 -13.43 3.63 6.72
CA GLU A 93 -14.55 4.53 6.49
C GLU A 93 -15.02 4.35 5.06
N LEU A 94 -16.24 3.87 4.92
CA LEU A 94 -16.79 3.48 3.62
C LEU A 94 -17.30 4.70 2.85
N GLU A 95 -16.58 5.07 1.80
CA GLU A 95 -16.97 6.21 0.97
C GLU A 95 -16.36 6.14 -0.43
N PRO A 96 -17.13 6.53 -1.45
CA PRO A 96 -16.62 6.57 -2.83
C PRO A 96 -15.39 7.44 -2.89
N PHE A 97 -14.48 7.16 -3.82
CA PHE A 97 -13.17 7.81 -3.79
C PHE A 97 -13.24 9.33 -3.91
N ASP A 98 -14.28 9.84 -4.56
CA ASP A 98 -14.40 11.29 -4.77
C ASP A 98 -14.97 12.01 -3.54
N GLN A 99 -15.46 11.24 -2.57
CA GLN A 99 -15.97 11.82 -1.33
C GLN A 99 -14.94 11.76 -0.21
N VAL A 100 -13.83 11.08 -0.45
CA VAL A 100 -12.76 10.95 0.55
C VAL A 100 -12.14 12.31 0.87
N SER A 101 -12.08 12.65 2.15
CA SER A 101 -11.41 13.88 2.58
C SER A 101 -10.01 13.57 3.09
N GLU A 102 -9.22 14.63 3.32
CA GLU A 102 -7.87 14.45 3.83
C GLU A 102 -7.89 13.85 5.23
N ALA A 103 -8.83 14.29 6.06
CA ALA A 103 -8.96 13.76 7.42
C ALA A 103 -9.28 12.27 7.44
N SER A 104 -10.29 11.86 6.67
CA SER A 104 -10.63 10.43 6.57
C SER A 104 -9.49 9.64 5.95
N TYR A 105 -8.83 10.23 4.96
CA TYR A 105 -7.64 9.61 4.38
C TYR A 105 -6.56 9.43 5.44
N ASP A 106 -6.27 10.52 6.16
CA ASP A 106 -5.23 10.51 7.19
C ASP A 106 -5.54 9.51 8.30
N ARG A 107 -6.79 9.52 8.79
CA ARG A 107 -7.21 8.62 9.86
C ARG A 107 -6.93 7.15 9.55
N GLN A 108 -7.39 6.70 8.39
CA GLN A 108 -7.25 5.29 8.03
C GLN A 108 -5.79 4.87 7.86
N PHE A 109 -5.00 5.68 7.18
CA PHE A 109 -3.56 5.37 7.04
C PHE A 109 -2.80 5.47 8.36
N ALA A 110 -3.24 6.35 9.25
CA ALA A 110 -2.55 6.55 10.53
C ALA A 110 -2.63 5.30 11.39
N VAL A 111 -3.82 4.71 11.46
CA VAL A 111 -4.04 3.50 12.23
C VAL A 111 -3.56 2.26 11.48
N ASN A 112 -4.06 2.07 10.27
CA ASN A 112 -3.84 0.81 9.54
C ASN A 112 -2.42 0.57 9.06
N THR A 113 -1.67 1.63 8.83
CA THR A 113 -0.37 1.49 8.17
C THR A 113 0.79 2.09 8.95
N LYS A 114 0.72 3.40 9.16
CA LYS A 114 1.79 4.11 9.85
C LYS A 114 1.97 3.63 11.28
N GLY A 115 0.87 3.63 12.03
CA GLY A 115 0.88 3.17 13.41
C GLY A 115 1.38 1.75 13.52
N ALA A 116 0.97 0.90 12.58
CA ALA A 116 1.40 -0.48 12.54
C ALA A 116 2.89 -0.57 12.30
N PHE A 117 3.37 0.22 11.34
CA PHE A 117 4.78 0.23 10.97
C PHE A 117 5.67 0.62 12.13
N PHE A 118 5.30 1.68 12.84
CA PHE A 118 6.14 2.16 13.94
C PHE A 118 5.97 1.35 15.21
N THR A 119 4.81 0.72 15.37
CA THR A 119 4.64 -0.20 16.49
C THR A 119 5.59 -1.39 16.33
N VAL A 120 5.66 -1.91 15.11
CA VAL A 120 6.58 -2.99 14.78
C VAL A 120 8.03 -2.53 14.95
N GLN A 121 8.36 -1.37 14.40
CA GLN A 121 9.71 -0.82 14.52
C GLN A 121 10.16 -0.73 15.98
N ARG A 122 9.22 -0.39 16.86
CA ARG A 122 9.51 -0.23 18.29
C ARG A 122 9.63 -1.57 19.02
N LEU A 123 8.81 -2.53 18.60
CA LEU A 123 8.72 -3.81 19.32
C LEU A 123 9.66 -4.89 18.79
N THR A 124 10.10 -4.75 17.55
CA THR A 124 10.96 -5.75 16.93
C THR A 124 12.21 -6.18 17.72
N PRO A 125 12.94 -5.22 18.33
CA PRO A 125 14.12 -5.64 19.11
C PRO A 125 13.82 -6.58 20.28
N LEU A 126 12.56 -6.74 20.66
CA LEU A 126 12.19 -7.64 21.76
C LEU A 126 11.97 -9.07 21.25
N ILE A 127 11.71 -9.21 19.96
CA ILE A 127 11.36 -10.51 19.38
C ILE A 127 12.53 -11.49 19.37
N ARG A 128 12.34 -12.64 20.01
CA ARG A 128 13.35 -13.70 20.05
C ARG A 128 13.67 -14.21 18.65
N GLU A 129 14.90 -14.71 18.49
CA GLU A 129 15.26 -15.46 17.30
C GLU A 129 14.36 -16.70 17.24
N GLY A 130 13.77 -16.95 16.08
CA GLY A 130 12.80 -18.03 15.95
C GLY A 130 11.38 -17.53 16.07
N GLY A 131 11.23 -16.32 16.60
CA GLY A 131 9.92 -15.71 16.78
C GLY A 131 9.33 -15.25 15.46
N SER A 132 8.18 -14.61 15.53
CA SER A 132 7.54 -14.15 14.30
C SER A 132 6.61 -12.95 14.50
N ILE A 133 6.37 -12.24 13.41
CA ILE A 133 5.37 -11.19 13.35
C ILE A 133 4.24 -11.67 12.45
N VAL A 134 3.00 -11.49 12.91
CA VAL A 134 1.84 -11.80 12.08
C VAL A 134 0.93 -10.58 11.94
N PHE A 135 0.76 -10.12 10.71
CA PHE A 135 -0.12 -8.99 10.43
C PHE A 135 -1.50 -9.48 10.07
N THR A 136 -2.53 -8.80 10.58
CA THR A 136 -3.88 -9.05 10.11
C THR A 136 -4.20 -8.11 8.95
N SER A 137 -4.20 -8.63 7.72
CA SER A 137 -4.56 -7.84 6.55
C SER A 137 -6.04 -7.94 6.26
N SER A 138 -6.40 -7.98 4.99
CA SER A 138 -7.80 -8.13 4.58
C SER A 138 -7.87 -8.68 3.17
N VAL A 139 -9.01 -9.24 2.80
CA VAL A 139 -9.21 -9.70 1.45
C VAL A 139 -9.14 -8.50 0.49
N ALA A 140 -9.42 -7.31 1.01
CA ALA A 140 -9.36 -6.10 0.21
C ALA A 140 -7.93 -5.62 -0.10
N ASP A 141 -6.92 -6.29 0.45
CA ASP A 141 -5.53 -5.93 0.11
C ASP A 141 -5.16 -6.23 -1.35
N GLU A 142 -6.07 -6.89 -2.07
CA GLU A 142 -5.90 -7.11 -3.51
C GLU A 142 -7.22 -6.86 -4.21
N GLY A 143 -7.16 -6.33 -5.42
CA GLY A 143 -8.36 -6.09 -6.20
C GLY A 143 -9.03 -4.78 -5.86
N GLY A 144 -10.14 -4.50 -6.55
CA GLY A 144 -10.82 -3.23 -6.42
C GLY A 144 -12.19 -3.36 -5.77
N HIS A 145 -12.37 -2.66 -4.65
CA HIS A 145 -13.61 -2.76 -3.90
C HIS A 145 -14.19 -1.38 -3.68
N PRO A 146 -15.19 -1.00 -4.48
CA PRO A 146 -15.80 0.33 -4.44
C PRO A 146 -16.14 0.77 -3.02
N GLY A 147 -15.80 2.02 -2.68
CA GLY A 147 -16.08 2.55 -1.37
C GLY A 147 -15.03 2.24 -0.32
N SER A 149 -11.42 2.47 -1.09
CA SER A 149 -10.14 2.83 -1.70
C SER A 149 -9.04 3.01 -0.65
N VAL A 150 -9.31 3.82 0.37
CA VAL A 150 -8.29 4.09 1.38
C VAL A 150 -7.98 2.85 2.21
N TYR A 151 -9.01 2.16 2.67
CA TYR A 151 -8.82 0.98 3.50
C TYR A 151 -8.05 -0.10 2.74
N SER A 152 -8.47 -0.37 1.51
CA SER A 152 -7.80 -1.39 0.71
C SER A 152 -6.32 -1.04 0.52
N ALA A 153 -6.06 0.22 0.18
CA ALA A 153 -4.70 0.69 -0.03
C ALA A 153 -3.86 0.61 1.24
N SER A 154 -4.48 0.87 2.39
CA SER A 154 -3.77 0.86 3.65
C SER A 154 -3.33 -0.57 4.00
N LYS A 155 -4.19 -1.52 3.68
CA LYS A 155 -3.89 -2.94 3.89
C LYS A 155 -2.86 -3.47 2.90
N ALA A 156 -2.95 -3.01 1.66
CA ALA A 156 -1.98 -3.41 0.65
C ALA A 156 -0.58 -2.93 1.04
N ALA A 157 -0.51 -1.69 1.53
CA ALA A 157 0.75 -1.13 2.04
C ALA A 157 1.30 -2.01 3.16
N LEU A 158 0.40 -2.46 4.03
CA LEU A 158 0.76 -3.30 5.17
C LEU A 158 1.37 -4.64 4.72
N VAL A 159 0.77 -5.25 3.71
CA VAL A 159 1.27 -6.51 3.16
C VAL A 159 2.66 -6.35 2.55
N SER A 160 2.90 -5.22 1.89
CA SER A 160 4.22 -4.93 1.34
C SER A 160 5.25 -4.76 2.46
N PHE A 161 4.85 -4.14 3.56
CA PHE A 161 5.73 -4.00 4.70
C PHE A 161 6.10 -5.37 5.25
N ALA A 162 5.11 -6.25 5.34
CA ALA A 162 5.34 -7.61 5.81
C ALA A 162 6.38 -8.30 4.95
N SER A 163 6.31 -8.08 3.64
CA SER A 163 7.27 -8.67 2.71
C SER A 163 8.67 -8.15 2.94
N VAL A 164 8.80 -6.83 3.04
CA VAL A 164 10.10 -6.22 3.26
C VAL A 164 10.70 -6.60 4.62
N LEU A 165 9.88 -6.59 5.66
CA LEU A 165 10.32 -7.00 6.99
C LEU A 165 10.81 -8.44 6.96
N ALA A 166 10.06 -9.30 6.28
CA ALA A 166 10.45 -10.69 6.10
C ALA A 166 11.86 -10.79 5.52
N ALA A 167 12.18 -9.93 4.57
CA ALA A 167 13.49 -9.94 3.94
C ALA A 167 14.59 -9.41 4.86
N GLU A 168 14.35 -8.25 5.47
CA GLU A 168 15.33 -7.63 6.36
C GLU A 168 15.54 -8.42 7.65
N LEU A 169 14.52 -9.11 8.13
CA LEU A 169 14.63 -9.82 9.41
C LEU A 169 15.14 -11.26 9.26
N LEU A 170 15.41 -11.68 8.03
CA LEU A 170 16.01 -12.99 7.77
C LEU A 170 17.22 -13.35 8.66
N PRO A 171 18.22 -12.45 8.76
CA PRO A 171 19.41 -12.85 9.54
C PRO A 171 19.13 -13.05 11.03
N ARG A 172 18.06 -12.43 11.53
CA ARG A 172 17.68 -12.62 12.93
C ARG A 172 16.71 -13.79 13.09
N GLY A 173 16.49 -14.52 12.00
CA GLY A 173 15.61 -15.67 12.01
C GLY A 173 14.22 -15.35 12.52
N ILE A 174 13.68 -14.23 12.06
CA ILE A 174 12.32 -13.84 12.42
C ILE A 174 11.40 -13.91 11.20
N ARG A 175 10.33 -14.68 11.32
CA ARG A 175 9.39 -14.88 10.23
C ARG A 175 8.30 -13.79 10.26
N VAL A 176 7.95 -13.26 9.09
CA VAL A 176 6.88 -12.28 9.01
C VAL A 176 5.82 -12.73 8.02
N ASN A 177 4.60 -12.90 8.50
CA ASN A 177 3.51 -13.35 7.63
C ASN A 177 2.23 -12.55 7.86
N SER A 178 1.25 -12.76 6.99
CA SER A 178 -0.02 -12.08 7.10
C SER A 178 -1.17 -13.05 6.88
N VAL A 179 -2.30 -12.75 7.51
CA VAL A 179 -3.55 -13.45 7.29
C VAL A 179 -4.50 -12.49 6.56
N SER A 180 -5.28 -13.00 5.62
CA SER A 180 -6.24 -12.17 4.90
C SER A 180 -7.66 -12.60 5.16
N PRO A 181 -8.30 -12.03 6.20
CA PRO A 181 -9.69 -12.33 6.52
C PRO A 181 -10.63 -11.79 5.45
N GLY A 182 -11.69 -12.54 5.15
CA GLY A 182 -12.78 -12.03 4.33
C GLY A 182 -13.84 -11.44 5.23
N PHE A 183 -15.10 -11.82 5.02
CA PHE A 183 -16.16 -11.37 5.91
C PHE A 183 -16.17 -12.21 7.18
N ILE A 184 -15.90 -11.56 8.31
CA ILE A 184 -15.85 -12.25 9.59
C ILE A 184 -16.92 -11.69 10.50
N ASP A 185 -17.78 -12.57 11.01
CA ASP A 185 -18.88 -12.16 11.87
C ASP A 185 -18.38 -11.97 13.30
N THR A 186 -18.04 -10.73 13.64
CA THR A 186 -17.54 -10.40 14.97
C THR A 186 -18.37 -9.29 15.61
N ARG A 199 -24.24 -2.36 9.93
CA ARG A 199 -23.25 -3.39 10.19
C ARG A 199 -23.83 -4.76 9.86
N ALA A 200 -25.13 -4.91 10.13
CA ALA A 200 -25.83 -6.15 9.83
C ALA A 200 -25.97 -6.33 8.33
N GLU A 201 -26.11 -5.20 7.62
CA GLU A 201 -26.18 -5.20 6.17
C GLU A 201 -24.88 -5.70 5.57
N PHE A 202 -23.81 -5.68 6.37
CA PHE A 202 -22.50 -6.10 5.92
C PHE A 202 -22.32 -7.61 6.04
N LYS A 203 -22.88 -8.21 7.09
CA LYS A 203 -22.81 -9.65 7.27
C LYS A 203 -23.57 -10.35 6.14
N THR A 204 -24.70 -9.76 5.77
CA THR A 204 -25.56 -10.33 4.74
C THR A 204 -24.94 -10.16 3.36
N LEU A 205 -24.23 -9.05 3.15
CA LEU A 205 -23.45 -8.88 1.92
C LEU A 205 -22.39 -9.98 1.86
N GLY A 206 -21.78 -10.26 3.00
CA GLY A 206 -20.77 -11.31 3.11
C GLY A 206 -21.35 -12.67 2.83
N ASP A 207 -22.57 -12.93 3.29
CA ASP A 207 -23.23 -14.19 3.03
C ASP A 207 -23.44 -14.41 1.54
N ASN A 208 -23.72 -13.33 0.82
CA ASN A 208 -24.11 -13.43 -0.58
C ASN A 208 -22.94 -13.53 -1.56
N ILE A 209 -21.89 -12.77 -1.31
CA ILE A 209 -20.77 -12.70 -2.26
C ILE A 209 -19.64 -13.68 -1.93
N THR A 210 -19.54 -14.10 -0.67
CA THR A 210 -18.53 -15.09 -0.31
C THR A 210 -18.91 -16.43 -0.91
N PRO A 211 -17.98 -17.03 -1.67
CA PRO A 211 -18.21 -18.32 -2.33
C PRO A 211 -18.71 -19.40 -1.38
N LYS A 213 -20.59 -18.88 1.02
CA LYS A 213 -21.94 -18.47 1.40
C LYS A 213 -22.16 -18.25 2.90
N ARG A 214 -21.10 -17.85 3.60
CA ARG A 214 -21.21 -17.50 5.01
C ARG A 214 -20.08 -16.57 5.42
N ASN A 215 -20.18 -16.05 6.64
CA ASN A 215 -19.08 -15.29 7.21
C ASN A 215 -18.17 -16.23 7.98
N GLY A 216 -16.93 -15.84 8.16
CA GLY A 216 -16.01 -16.62 8.98
C GLY A 216 -16.21 -16.26 10.44
N THR A 217 -15.60 -17.03 11.32
CA THR A 217 -15.63 -16.71 12.74
C THR A 217 -14.29 -16.08 13.14
N ALA A 218 -14.30 -15.36 14.26
CA ALA A 218 -13.09 -14.79 14.81
C ALA A 218 -12.12 -15.90 15.20
N ASP A 219 -12.67 -17.03 15.65
CA ASP A 219 -11.83 -18.16 16.02
C ASP A 219 -11.12 -18.76 14.79
N GLU A 220 -11.84 -18.88 13.68
CA GLU A 220 -11.22 -19.35 12.44
C GLU A 220 -10.02 -18.49 12.04
N VAL A 221 -10.15 -17.18 12.20
CA VAL A 221 -9.04 -16.27 11.94
C VAL A 221 -7.91 -16.50 12.93
N ALA A 222 -8.26 -16.69 14.20
CA ALA A 222 -7.26 -16.93 15.24
C ALA A 222 -6.44 -18.19 14.98
N ARG A 223 -7.09 -19.25 14.53
CA ARG A 223 -6.40 -20.51 14.28
C ARG A 223 -5.30 -20.32 13.23
N ALA A 224 -5.59 -19.50 12.22
CA ALA A 224 -4.64 -19.19 11.17
C ALA A 224 -3.50 -18.33 11.69
N VAL A 225 -3.81 -17.39 12.58
CA VAL A 225 -2.80 -16.52 13.14
C VAL A 225 -1.78 -17.34 13.93
N LEU A 226 -2.29 -18.26 14.74
CA LEU A 226 -1.43 -19.04 15.62
C LEU A 226 -0.69 -20.16 14.89
N PHE A 227 -1.29 -20.67 13.82
CA PHE A 227 -0.58 -21.61 12.96
C PHE A 227 0.67 -20.96 12.39
N LEU A 228 0.49 -19.80 11.75
CA LEU A 228 1.61 -19.04 11.18
C LEU A 228 2.62 -18.66 12.26
N ALA A 229 2.12 -18.34 13.45
CA ALA A 229 2.97 -17.89 14.53
C ALA A 229 3.89 -19.00 15.05
N PHE A 230 3.37 -20.21 15.16
CA PHE A 230 4.07 -21.25 15.91
C PHE A 230 4.35 -22.54 15.14
N GLU A 231 3.59 -22.82 14.09
CA GLU A 231 3.74 -24.08 13.38
C GLU A 231 4.32 -23.92 11.97
N ALA A 232 4.15 -22.75 11.39
CA ALA A 232 4.67 -22.48 10.04
C ALA A 232 6.14 -22.05 10.11
N THR A 233 6.99 -22.94 10.60
CA THR A 233 8.38 -22.61 10.89
C THR A 233 9.26 -22.46 9.65
N PHE A 234 8.74 -22.84 8.48
CA PHE A 234 9.45 -22.68 7.22
C PHE A 234 8.67 -21.72 6.31
N THR A 235 7.80 -20.94 6.92
CA THR A 235 7.01 -19.98 6.16
C THR A 235 7.32 -18.53 6.56
N THR A 236 7.82 -17.76 5.61
CA THR A 236 8.01 -16.32 5.81
C THR A 236 7.66 -15.56 4.53
N GLY A 237 7.17 -14.33 4.69
CA GLY A 237 6.82 -13.48 3.57
C GLY A 237 5.52 -13.89 2.90
N ALA A 238 4.78 -14.77 3.57
CA ALA A 238 3.60 -15.38 2.96
C ALA A 238 2.29 -14.76 3.43
N LYS A 239 1.22 -15.14 2.74
CA LYS A 239 -0.12 -14.68 3.06
C LYS A 239 -0.99 -15.92 3.20
N LEU A 240 -1.98 -15.86 4.07
CA LEU A 240 -2.87 -16.99 4.27
C LEU A 240 -4.32 -16.51 4.30
N ALA A 241 -5.12 -16.96 3.34
CA ALA A 241 -6.48 -16.46 3.20
C ALA A 241 -7.47 -17.14 4.15
N VAL A 242 -8.23 -16.34 4.87
CA VAL A 242 -9.32 -16.83 5.70
C VAL A 242 -10.57 -16.04 5.28
N ASP A 243 -11.06 -16.38 4.08
CA ASP A 243 -12.00 -15.51 3.38
C ASP A 243 -13.15 -16.25 2.70
N GLY A 244 -13.34 -17.52 3.02
CA GLY A 244 -14.33 -18.34 2.34
C GLY A 244 -14.15 -18.43 0.83
N GLY A 245 -12.95 -18.12 0.35
CA GLY A 245 -12.65 -18.19 -1.07
C GLY A 245 -12.81 -16.87 -1.81
N LEU A 246 -13.28 -15.84 -1.10
CA LEU A 246 -13.59 -14.55 -1.70
C LEU A 246 -12.46 -13.94 -2.53
N GLY A 247 -11.23 -13.99 -2.01
CA GLY A 247 -10.09 -13.47 -2.73
C GLY A 247 -9.40 -14.45 -3.68
N GLN A 248 -9.99 -15.62 -3.88
CA GLN A 248 -9.33 -16.70 -4.62
C GLN A 248 -9.89 -16.91 -6.03
N LYS A 249 -10.64 -15.92 -6.53
CA LYS A 249 -11.15 -15.93 -7.89
C LYS A 249 -12.01 -17.16 -8.22
N LEU A 250 -12.83 -17.57 -7.27
CA LEU A 250 -13.77 -18.67 -7.48
C LEU A 250 -15.07 -18.15 -8.07
N SER A 251 -15.37 -18.57 -9.30
CA SER A 251 -16.55 -18.05 -9.99
C SER A 251 -17.85 -18.54 -9.39
N THR A 252 -18.84 -17.64 -9.34
CA THR A 252 -20.11 -17.87 -8.63
C THR A 252 -19.91 -18.14 -7.14
N GLY B 3 -4.60 10.00 -34.58
CA GLY B 3 -3.54 9.65 -35.50
C GLY B 3 -2.45 10.70 -35.55
N ASN B 4 -1.36 10.49 -34.80
CA ASN B 4 -1.24 9.34 -33.91
C ASN B 4 -2.01 9.58 -32.61
N TYR B 5 -1.73 10.70 -31.96
CA TYR B 5 -2.50 11.12 -30.80
C TYR B 5 -3.13 12.48 -31.05
N GLN B 6 -3.44 12.77 -32.31
CA GLN B 6 -4.05 14.07 -32.62
C GLN B 6 -5.46 14.11 -32.07
N GLY B 7 -5.80 15.20 -31.39
CA GLY B 7 -7.08 15.30 -30.72
C GLY B 7 -7.01 14.79 -29.30
N LYS B 8 -6.00 14.00 -28.98
CA LYS B 8 -5.82 13.51 -27.62
C LYS B 8 -5.24 14.60 -26.74
N LYS B 9 -5.70 14.62 -25.48
CA LYS B 9 -5.17 15.53 -24.48
C LYS B 9 -4.68 14.72 -23.28
N ALA B 10 -3.48 15.03 -22.81
CA ALA B 10 -2.86 14.27 -21.73
C ALA B 10 -2.31 15.19 -20.64
N ILE B 11 -2.38 14.71 -19.40
CA ILE B 11 -1.68 15.33 -18.30
C ILE B 11 -0.65 14.35 -17.78
N VAL B 12 0.59 14.81 -17.64
CA VAL B 12 1.65 13.97 -17.11
C VAL B 12 2.20 14.58 -15.83
N ILE B 13 1.81 13.98 -14.70
CA ILE B 13 2.27 14.42 -13.40
C ILE B 13 3.68 13.87 -13.20
N GLY B 14 4.65 14.75 -13.01
CA GLY B 14 6.05 14.34 -12.96
C GLY B 14 6.57 14.07 -14.36
N GLY B 15 6.42 15.05 -15.25
CA GLY B 15 6.80 14.86 -16.64
C GLY B 15 8.05 15.58 -17.10
N THR B 16 8.88 16.02 -16.17
CA THR B 16 10.04 16.83 -16.52
C THR B 16 11.33 16.03 -16.62
N HIS B 17 11.23 14.72 -16.39
CA HIS B 17 12.41 13.88 -16.32
C HIS B 17 12.08 12.40 -16.53
N GLY B 18 13.08 11.64 -16.98
CA GLY B 18 12.99 10.19 -17.04
C GLY B 18 11.80 9.62 -17.79
N GLY B 20 8.53 9.98 -17.20
CA GLY B 20 7.52 10.98 -17.46
C GLY B 20 7.86 11.77 -18.71
N LEU B 21 9.12 12.18 -18.80
CA LEU B 21 9.60 12.98 -19.92
C LEU B 21 9.57 12.18 -21.22
N ALA B 22 9.95 10.92 -21.15
CA ALA B 22 9.92 10.05 -22.33
C ALA B 22 8.50 9.94 -22.85
N THR B 23 7.54 9.84 -21.92
CA THR B 23 6.13 9.74 -22.26
C THR B 23 5.63 11.02 -22.90
N VAL B 24 6.04 12.16 -22.32
CA VAL B 24 5.72 13.46 -22.88
C VAL B 24 6.25 13.58 -24.30
N ARG B 25 7.51 13.18 -24.50
CA ARG B 25 8.13 13.29 -25.81
C ARG B 25 7.34 12.54 -26.88
N ARG B 26 6.88 11.35 -26.53
CA ARG B 26 6.07 10.55 -27.45
C ARG B 26 4.69 11.14 -27.70
N LEU B 27 4.09 11.70 -26.65
CA LEU B 27 2.79 12.36 -26.79
C LEU B 27 2.90 13.55 -27.74
N VAL B 28 3.91 14.37 -27.53
CA VAL B 28 4.13 15.54 -28.39
C VAL B 28 4.42 15.10 -29.82
N GLU B 29 5.31 14.11 -29.95
CA GLU B 29 5.65 13.52 -31.24
C GLU B 29 4.41 13.03 -31.97
N GLY B 30 3.46 12.47 -31.23
CA GLY B 30 2.24 11.96 -31.81
C GLY B 30 1.15 12.99 -32.04
N GLY B 31 1.41 14.24 -31.66
CA GLY B 31 0.47 15.32 -31.88
C GLY B 31 -0.58 15.58 -30.79
N ALA B 32 -0.38 15.01 -29.60
CA ALA B 32 -1.30 15.25 -28.49
C ALA B 32 -1.04 16.59 -27.81
N GLU B 33 -2.06 17.11 -27.14
CA GLU B 33 -1.90 18.28 -26.28
C GLU B 33 -1.48 17.83 -24.90
N VAL B 34 -0.40 18.41 -24.39
CA VAL B 34 0.18 17.93 -23.14
C VAL B 34 0.30 19.04 -22.10
N LEU B 35 -0.16 18.74 -20.89
CA LEU B 35 0.12 19.56 -19.73
C LEU B 35 0.93 18.71 -18.75
N LEU B 36 2.15 19.15 -18.45
CA LEU B 36 2.98 18.39 -17.52
C LEU B 36 3.33 19.21 -16.29
N THR B 37 3.61 18.53 -15.20
CA THR B 37 4.02 19.17 -13.96
C THR B 37 5.37 18.63 -13.49
N GLY B 38 6.05 19.44 -12.67
CA GLY B 38 7.31 19.05 -12.06
C GLY B 38 7.58 19.95 -10.85
N ARG B 39 8.57 19.59 -10.04
CA ARG B 39 8.87 20.36 -8.84
C ARG B 39 10.07 21.27 -9.05
N ASN B 40 11.10 20.74 -9.70
CA ASN B 40 12.31 21.51 -10.00
C ASN B 40 12.04 22.56 -11.08
N GLU B 41 12.20 23.83 -10.70
CA GLU B 41 12.05 24.93 -11.64
C GLU B 41 13.02 24.81 -12.81
N SER B 42 14.23 24.35 -12.51
CA SER B 42 15.27 24.23 -13.52
C SER B 42 14.91 23.20 -14.59
N ASN B 43 14.50 22.01 -14.16
CA ASN B 43 14.07 20.98 -15.09
C ASN B 43 12.96 21.47 -16.00
N ILE B 44 12.01 22.19 -15.42
CA ILE B 44 10.91 22.78 -16.17
C ILE B 44 11.40 23.76 -17.25
N ALA B 45 12.29 24.68 -16.87
CA ALA B 45 12.82 25.65 -17.81
C ALA B 45 13.48 24.97 -19.00
N ARG B 46 14.07 23.80 -18.74
CA ARG B 46 14.70 23.00 -19.79
C ARG B 46 13.65 22.41 -20.74
N ILE B 47 12.55 21.92 -20.17
CA ILE B 47 11.42 21.44 -20.96
C ILE B 47 10.89 22.57 -21.84
N ARG B 48 10.82 23.77 -21.28
CA ARG B 48 10.36 24.95 -22.02
C ARG B 48 11.27 25.29 -23.20
N GLU B 49 12.59 25.23 -22.99
CA GLU B 49 13.53 25.50 -24.09
C GLU B 49 13.33 24.47 -25.19
N GLU B 50 13.12 23.22 -24.80
CA GLU B 50 13.01 22.12 -25.75
C GLU B 50 11.69 22.13 -26.52
N PHE B 51 10.60 22.44 -25.82
CA PHE B 51 9.27 22.34 -26.41
C PHE B 51 8.64 23.68 -26.79
N GLY B 52 8.69 24.64 -25.88
CA GLY B 52 8.07 25.93 -26.10
C GLY B 52 6.57 25.90 -25.81
N PRO B 53 5.77 26.51 -26.71
CA PRO B 53 4.31 26.54 -26.54
C PRO B 53 3.67 25.19 -26.87
N ARG B 54 4.48 24.22 -27.28
CA ARG B 54 3.98 22.89 -27.61
C ARG B 54 3.44 22.17 -26.36
N VAL B 55 4.05 22.45 -25.22
CA VAL B 55 3.53 21.94 -23.95
C VAL B 55 3.28 23.09 -22.98
N HIS B 56 2.28 22.90 -22.12
CA HIS B 56 2.08 23.78 -20.99
C HIS B 56 2.76 23.13 -19.80
N ALA B 57 3.85 23.73 -19.33
CA ALA B 57 4.61 23.19 -18.21
C ALA B 57 4.32 23.96 -16.92
N LEU B 58 4.17 23.24 -15.82
CA LEU B 58 3.80 23.85 -14.55
C LEU B 58 4.64 23.33 -13.40
N ARG B 59 5.14 24.25 -12.56
CA ARG B 59 5.70 23.83 -11.29
C ARG B 59 4.55 23.53 -10.36
N SER B 60 4.51 22.31 -9.84
CA SER B 60 3.43 21.92 -8.97
C SER B 60 3.88 20.81 -8.02
N ASP B 61 3.60 21.00 -6.73
CA ASP B 61 3.99 20.03 -5.72
C ASP B 61 2.85 19.05 -5.49
N ILE B 62 3.04 17.83 -5.97
CA ILE B 62 2.03 16.77 -5.86
C ILE B 62 1.65 16.51 -4.41
N ALA B 63 2.55 16.83 -3.48
CA ALA B 63 2.31 16.58 -2.06
C ALA B 63 1.50 17.70 -1.39
N ASP B 64 1.42 18.85 -2.04
CA ASP B 64 0.70 20.00 -1.48
C ASP B 64 -0.72 20.05 -2.02
N LEU B 65 -1.70 19.79 -1.15
CA LEU B 65 -3.09 19.76 -1.55
C LEU B 65 -3.62 21.10 -2.06
N ASN B 66 -3.04 22.19 -1.57
CA ASN B 66 -3.36 23.52 -2.09
C ASN B 66 -2.93 23.68 -3.53
N GLU B 67 -1.71 23.24 -3.82
CA GLU B 67 -1.19 23.31 -5.18
C GLU B 67 -1.91 22.34 -6.10
N ILE B 68 -2.46 21.28 -5.53
CA ILE B 68 -3.26 20.33 -6.29
C ILE B 68 -4.56 21.00 -6.75
N ALA B 69 -5.14 21.81 -5.87
CA ALA B 69 -6.33 22.58 -6.20
C ALA B 69 -6.05 23.52 -7.36
N VAL B 70 -4.93 24.24 -7.26
CA VAL B 70 -4.55 25.19 -8.29
C VAL B 70 -4.33 24.48 -9.63
N LEU B 71 -3.73 23.30 -9.57
CA LEU B 71 -3.52 22.48 -10.76
C LEU B 71 -4.85 22.05 -11.38
N GLY B 72 -5.84 21.78 -10.53
CA GLY B 72 -7.15 21.40 -11.00
C GLY B 72 -7.78 22.50 -11.84
N ALA B 73 -7.60 23.75 -11.41
CA ALA B 73 -8.14 24.89 -12.15
C ALA B 73 -7.34 25.17 -13.42
N ALA B 74 -6.02 25.02 -13.35
CA ALA B 74 -5.16 25.30 -14.50
C ALA B 74 -5.40 24.27 -15.62
N ALA B 75 -5.50 23.00 -15.24
CA ALA B 75 -5.79 21.93 -16.19
C ALA B 75 -7.15 22.12 -16.85
N GLY B 76 -8.16 22.41 -16.05
CA GLY B 76 -9.50 22.62 -16.56
C GLY B 76 -9.54 23.81 -17.49
N GLN B 77 -8.60 24.74 -17.28
CA GLN B 77 -8.52 25.94 -18.09
C GLN B 77 -7.76 25.73 -19.41
N THR B 78 -6.60 25.09 -19.34
CA THR B 78 -5.75 24.93 -20.52
C THR B 78 -6.23 23.80 -21.42
N LEU B 79 -6.72 22.72 -20.82
CA LEU B 79 -7.08 21.51 -21.56
C LEU B 79 -8.58 21.28 -21.69
N GLY B 80 -9.31 21.44 -20.59
CA GLY B 80 -10.76 21.32 -20.59
C GLY B 80 -11.25 19.92 -20.31
N ALA B 81 -10.68 18.95 -21.01
CA ALA B 81 -11.03 17.55 -20.84
C ALA B 81 -9.88 16.71 -21.35
N ILE B 82 -9.53 15.65 -20.63
CA ILE B 82 -8.37 14.86 -21.00
C ILE B 82 -8.71 13.40 -21.31
N ASP B 83 -7.84 12.78 -22.09
CA ASP B 83 -8.02 11.38 -22.47
C ASP B 83 -7.10 10.52 -21.62
N LEU B 84 -5.96 11.08 -21.22
CA LEU B 84 -5.01 10.35 -20.41
C LEU B 84 -4.50 11.17 -19.24
N LEU B 85 -4.50 10.56 -18.05
CA LEU B 85 -3.81 11.11 -16.90
C LEU B 85 -2.71 10.13 -16.49
N HIS B 86 -1.47 10.55 -16.67
CA HIS B 86 -0.32 9.71 -16.30
C HIS B 86 0.33 10.20 -15.01
N ILE B 87 0.24 9.39 -13.96
CA ILE B 87 0.86 9.73 -12.68
C ILE B 87 2.25 9.12 -12.58
N ASN B 88 3.27 9.94 -12.77
CA ASN B 88 4.65 9.51 -12.68
C ASN B 88 5.38 10.20 -11.53
N ALA B 89 4.92 9.94 -10.30
CA ALA B 89 5.55 10.52 -9.13
C ALA B 89 6.21 9.42 -8.31
N GLY B 90 7.33 9.76 -7.69
CA GLY B 90 8.05 8.79 -6.88
C GLY B 90 9.28 9.35 -6.21
N VAL B 91 9.24 9.38 -4.88
CA VAL B 91 10.44 9.66 -4.09
C VAL B 91 10.75 8.42 -3.25
N SER B 92 12.03 8.20 -2.97
CA SER B 92 12.43 7.07 -2.15
C SER B 92 13.59 7.46 -1.23
N GLU B 93 13.63 6.85 -0.06
CA GLU B 93 14.79 6.99 0.83
C GLU B 93 15.25 5.61 1.28
N LEU B 94 16.47 5.26 0.89
CA LEU B 94 17.05 3.97 1.24
C LEU B 94 17.55 3.92 2.68
N GLU B 95 17.01 2.99 3.45
CA GLU B 95 17.42 2.75 4.83
C GLU B 95 16.73 1.50 5.38
N PRO B 96 17.40 0.78 6.28
CA PRO B 96 16.77 -0.36 6.96
C PRO B 96 15.50 0.11 7.68
N PHE B 97 14.56 -0.79 7.93
CA PHE B 97 13.28 -0.39 8.53
C PHE B 97 13.43 0.24 9.93
N ASP B 98 14.49 -0.10 10.65
CA ASP B 98 14.65 0.41 12.01
C ASP B 98 15.35 1.77 12.06
N GLN B 99 15.59 2.35 10.89
CA GLN B 99 16.20 3.68 10.82
C GLN B 99 15.24 4.70 10.22
N VAL B 100 14.08 4.23 9.78
CA VAL B 100 13.06 5.11 9.21
C VAL B 100 12.53 6.05 10.28
N SER B 101 12.63 7.35 10.02
CA SER B 101 12.10 8.35 10.93
C SER B 101 10.66 8.65 10.52
N GLU B 102 9.89 9.25 11.41
CA GLU B 102 8.54 9.67 11.04
C GLU B 102 8.60 10.62 9.85
N ALA B 103 9.66 11.43 9.80
CA ALA B 103 9.89 12.36 8.69
C ALA B 103 10.05 11.64 7.35
N SER B 104 10.92 10.64 7.30
CA SER B 104 11.14 9.87 6.08
C SER B 104 9.85 9.18 5.65
N TYR B 105 9.20 8.53 6.61
CA TYR B 105 7.96 7.82 6.35
C TYR B 105 6.95 8.75 5.69
N ASP B 106 6.67 9.86 6.37
CA ASP B 106 5.66 10.82 5.94
C ASP B 106 5.89 11.35 4.54
N ARG B 107 7.13 11.75 4.23
CA ARG B 107 7.39 12.37 2.93
C ARG B 107 7.30 11.40 1.76
N GLN B 108 7.72 10.17 1.96
CA GLN B 108 7.58 9.17 0.91
C GLN B 108 6.11 8.89 0.62
N PHE B 109 5.34 8.66 1.67
CA PHE B 109 3.90 8.44 1.51
C PHE B 109 3.15 9.69 1.05
N ALA B 110 3.62 10.87 1.43
CA ALA B 110 2.95 12.12 1.05
C ALA B 110 3.02 12.34 -0.46
N VAL B 111 4.17 12.07 -1.05
CA VAL B 111 4.36 12.21 -2.49
C VAL B 111 3.85 11.00 -3.28
N ASN B 112 4.29 9.81 -2.88
CA ASN B 112 4.03 8.60 -3.67
C ASN B 112 2.59 8.10 -3.63
N THR B 113 1.87 8.41 -2.57
CA THR B 113 0.58 7.78 -2.34
C THR B 113 -0.53 8.79 -2.12
N LYS B 114 -0.39 9.62 -1.08
CA LYS B 114 -1.39 10.62 -0.76
C LYS B 114 -1.52 11.66 -1.88
N GLY B 115 -0.39 12.22 -2.28
CA GLY B 115 -0.36 13.19 -3.37
C GLY B 115 -0.97 12.65 -4.66
N ALA B 116 -0.60 11.43 -5.02
CA ALA B 116 -1.15 10.81 -6.22
C ALA B 116 -2.66 10.65 -6.10
N PHE B 117 -3.11 10.18 -4.95
CA PHE B 117 -4.53 9.96 -4.70
C PHE B 117 -5.39 11.23 -4.86
N PHE B 118 -4.95 12.33 -4.26
CA PHE B 118 -5.72 13.57 -4.32
C PHE B 118 -5.54 14.31 -5.63
N THR B 119 -4.39 14.12 -6.27
CA THR B 119 -4.20 14.63 -7.62
C THR B 119 -5.22 13.96 -8.54
N VAL B 120 -5.34 12.63 -8.40
CA VAL B 120 -6.31 11.88 -9.18
C VAL B 120 -7.73 12.30 -8.83
N GLN B 121 -8.04 12.38 -7.54
CA GLN B 121 -9.36 12.83 -7.08
C GLN B 121 -9.77 14.18 -7.69
N ARG B 122 -8.82 15.11 -7.79
CA ARG B 122 -9.12 16.43 -8.33
C ARG B 122 -9.18 16.47 -9.86
N LEU B 123 -8.41 15.61 -10.52
CA LEU B 123 -8.29 15.65 -11.98
C LEU B 123 -9.23 14.72 -12.74
N THR B 124 -9.77 13.72 -12.04
CA THR B 124 -10.66 12.73 -12.65
C THR B 124 -11.93 13.27 -13.33
N PRO B 125 -12.57 14.32 -12.76
CA PRO B 125 -13.73 14.88 -13.46
C PRO B 125 -13.41 15.43 -14.86
N LEU B 126 -12.13 15.64 -15.16
CA LEU B 126 -11.75 16.15 -16.47
C LEU B 126 -11.55 15.03 -17.48
N ILE B 127 -11.57 13.78 -17.02
CA ILE B 127 -11.35 12.65 -17.91
C ILE B 127 -12.63 12.25 -18.63
N ARG B 128 -12.57 12.25 -19.96
CA ARG B 128 -13.75 11.91 -20.73
C ARG B 128 -13.88 10.42 -20.94
N GLU B 129 -15.10 10.00 -21.27
CA GLU B 129 -15.42 8.62 -21.60
C GLU B 129 -14.42 8.05 -22.60
N GLY B 130 -13.90 6.87 -22.31
CA GLY B 130 -12.96 6.21 -23.21
C GLY B 130 -11.53 6.53 -22.83
N GLY B 131 -11.38 7.44 -21.87
CA GLY B 131 -10.06 7.84 -21.43
C GLY B 131 -9.48 6.87 -20.42
N SER B 132 -8.35 7.23 -19.84
CA SER B 132 -7.71 6.35 -18.88
C SER B 132 -6.69 7.04 -17.97
N ILE B 133 -6.43 6.37 -16.85
CA ILE B 133 -5.38 6.75 -15.92
C ILE B 133 -4.32 5.66 -15.92
N VAL B 134 -3.05 6.05 -16.06
CA VAL B 134 -1.94 5.10 -15.95
C VAL B 134 -1.03 5.54 -14.81
N PHE B 135 -0.83 4.65 -13.85
CA PHE B 135 0.09 4.90 -12.74
C PHE B 135 1.46 4.32 -13.04
N THR B 136 2.52 5.04 -12.66
CA THR B 136 3.84 4.44 -12.68
C THR B 136 4.12 3.85 -11.30
N SER B 137 4.06 2.53 -11.21
CA SER B 137 4.41 1.86 -9.97
C SER B 137 5.89 1.52 -9.97
N SER B 138 6.20 0.28 -9.60
CA SER B 138 7.59 -0.15 -9.47
C SER B 138 7.60 -1.65 -9.23
N VAL B 139 8.69 -2.30 -9.63
CA VAL B 139 8.89 -3.71 -9.34
C VAL B 139 8.78 -3.96 -7.82
N ALA B 140 9.07 -2.91 -7.05
CA ALA B 140 9.05 -3.00 -5.59
C ALA B 140 7.64 -3.10 -4.99
N ASP B 141 6.61 -2.94 -5.81
CA ASP B 141 5.23 -2.98 -5.30
C ASP B 141 4.79 -4.39 -4.89
N GLU B 142 5.65 -5.39 -5.15
CA GLU B 142 5.42 -6.75 -4.68
C GLU B 142 6.74 -7.31 -4.18
N GLY B 143 6.70 -8.17 -3.17
CA GLY B 143 7.90 -8.76 -2.62
C GLY B 143 8.60 -7.85 -1.62
N GLY B 144 9.74 -8.31 -1.11
CA GLY B 144 10.45 -7.60 -0.06
C GLY B 144 11.85 -7.21 -0.49
N HIS B 145 12.10 -5.90 -0.49
CA HIS B 145 13.37 -5.37 -0.94
C HIS B 145 14.01 -4.55 0.18
N PRO B 146 15.01 -5.14 0.86
CA PRO B 146 15.66 -4.51 2.01
C PRO B 146 16.10 -3.07 1.75
N GLY B 147 15.71 -2.18 2.65
CA GLY B 147 16.04 -0.77 2.52
C GLY B 147 14.95 0.05 1.86
N SER B 149 11.45 -0.44 2.41
CA SER B 149 10.17 -0.72 3.07
C SER B 149 9.11 0.34 2.79
N VAL B 150 9.44 1.61 3.00
CA VAL B 150 8.45 2.67 2.81
C VAL B 150 8.09 2.84 1.35
N TYR B 151 9.11 2.92 0.50
CA TYR B 151 8.90 3.03 -0.94
C TYR B 151 8.01 1.92 -1.50
N SER B 152 8.37 0.66 -1.21
CA SER B 152 7.58 -0.49 -1.67
C SER B 152 6.15 -0.41 -1.17
N ALA B 153 5.99 -0.11 0.11
CA ALA B 153 4.67 0.01 0.73
C ALA B 153 3.88 1.14 0.09
N SER B 154 4.53 2.24 -0.24
CA SER B 154 3.85 3.39 -0.82
C SER B 154 3.39 3.04 -2.23
N LYS B 155 4.22 2.30 -2.95
CA LYS B 155 3.89 1.87 -4.30
C LYS B 155 2.84 0.76 -4.34
N ALA B 156 2.86 -0.15 -3.36
CA ALA B 156 1.84 -1.17 -3.24
C ALA B 156 0.47 -0.55 -2.96
N ALA B 157 0.45 0.50 -2.15
CA ALA B 157 -0.78 1.26 -1.90
C ALA B 157 -1.30 1.89 -3.19
N LEU B 158 -0.39 2.47 -3.97
CA LEU B 158 -0.74 3.09 -5.24
C LEU B 158 -1.46 2.10 -6.15
N VAL B 159 -0.90 0.90 -6.23
CA VAL B 159 -1.44 -0.16 -7.07
C VAL B 159 -2.84 -0.56 -6.62
N SER B 160 -3.05 -0.63 -5.30
CA SER B 160 -4.39 -0.91 -4.76
C SER B 160 -5.39 0.18 -5.14
N PHE B 161 -4.95 1.44 -5.07
CA PHE B 161 -5.78 2.56 -5.50
C PHE B 161 -6.20 2.36 -6.95
N ALA B 162 -5.25 1.96 -7.79
CA ALA B 162 -5.53 1.70 -9.20
C ALA B 162 -6.68 0.71 -9.39
N SER B 163 -6.65 -0.38 -8.64
CA SER B 163 -7.72 -1.38 -8.71
C SER B 163 -9.07 -0.83 -8.27
N VAL B 164 -9.11 -0.09 -7.15
CA VAL B 164 -10.36 0.47 -6.68
C VAL B 164 -10.88 1.55 -7.64
N LEU B 165 -9.96 2.35 -8.18
CA LEU B 165 -10.34 3.36 -9.18
C LEU B 165 -10.91 2.67 -10.42
N ALA B 166 -10.27 1.59 -10.85
CA ALA B 166 -10.77 0.81 -11.98
C ALA B 166 -12.20 0.36 -11.77
N ALA B 167 -12.51 -0.11 -10.56
CA ALA B 167 -13.84 -0.61 -10.25
C ALA B 167 -14.84 0.53 -10.20
N GLU B 168 -14.44 1.65 -9.59
CA GLU B 168 -15.36 2.77 -9.42
C GLU B 168 -15.57 3.55 -10.70
N LEU B 169 -14.57 3.58 -11.58
CA LEU B 169 -14.65 4.38 -12.81
C LEU B 169 -15.29 3.64 -13.99
N LEU B 170 -15.66 2.39 -13.77
CA LEU B 170 -16.32 1.57 -14.80
C LEU B 170 -17.55 2.22 -15.45
N PRO B 171 -18.48 2.80 -14.66
CA PRO B 171 -19.65 3.40 -15.31
C PRO B 171 -19.30 4.58 -16.22
N ARG B 172 -18.12 5.16 -16.04
CA ARG B 172 -17.71 6.32 -16.83
C ARG B 172 -16.85 5.95 -18.04
N GLY B 173 -16.64 4.65 -18.25
CA GLY B 173 -15.81 4.18 -19.34
C GLY B 173 -14.40 4.72 -19.26
N ILE B 174 -13.84 4.71 -18.05
CA ILE B 174 -12.47 5.15 -17.82
C ILE B 174 -11.66 3.98 -17.27
N ARG B 175 -10.65 3.56 -18.02
CA ARG B 175 -9.81 2.44 -17.61
C ARG B 175 -8.67 2.97 -16.75
N VAL B 176 -8.19 2.10 -15.85
CA VAL B 176 -7.14 2.50 -14.92
C VAL B 176 -5.97 1.52 -14.86
N ASN B 177 -4.79 1.56 -15.16
CA ASN B 177 -3.80 0.50 -15.13
C ASN B 177 -2.49 1.04 -14.60
N SER B 178 -1.51 0.16 -14.46
CA SER B 178 -0.22 0.53 -13.89
C SER B 178 0.89 -0.13 -14.68
N VAL B 179 1.99 0.61 -14.84
CA VAL B 179 3.23 0.07 -15.38
C VAL B 179 4.16 -0.16 -14.20
N SER B 180 4.85 -1.31 -14.20
CA SER B 180 5.80 -1.62 -13.13
C SER B 180 7.22 -1.73 -13.67
N PRO B 181 7.95 -0.61 -13.69
CA PRO B 181 9.34 -0.58 -14.15
C PRO B 181 10.23 -1.29 -13.16
N GLY B 182 11.32 -1.90 -13.65
CA GLY B 182 12.35 -2.43 -12.78
C GLY B 182 13.48 -1.43 -12.71
N PHE B 183 14.71 -1.88 -12.94
CA PHE B 183 15.83 -0.97 -13.02
C PHE B 183 15.81 -0.21 -14.34
N ILE B 184 15.60 1.10 -14.24
CA ILE B 184 15.55 1.96 -15.41
C ILE B 184 16.65 3.00 -15.28
N ASP B 185 17.57 3.04 -16.25
CA ASP B 185 18.70 3.94 -16.16
C ASP B 185 18.34 5.36 -16.57
N THR B 186 18.08 6.22 -15.59
CA THR B 186 17.69 7.60 -15.84
C THR B 186 18.55 8.56 -15.03
N ARG B 199 23.15 6.36 -7.23
CA ARG B 199 24.36 6.57 -8.01
C ARG B 199 24.67 5.30 -8.82
N ALA B 200 25.84 5.25 -9.45
CA ALA B 200 26.20 4.17 -10.37
C ALA B 200 26.18 2.78 -9.71
N GLU B 201 26.17 2.76 -8.38
CA GLU B 201 26.12 1.51 -7.63
C GLU B 201 24.76 0.84 -7.78
N PHE B 202 23.76 1.62 -8.19
CA PHE B 202 22.41 1.13 -8.36
C PHE B 202 22.20 0.56 -9.76
N LYS B 203 22.66 1.29 -10.77
CA LYS B 203 22.57 0.84 -12.15
C LYS B 203 23.37 -0.45 -12.36
N THR B 204 24.50 -0.56 -11.66
CA THR B 204 25.34 -1.74 -11.73
C THR B 204 24.65 -2.95 -11.09
N LEU B 205 23.94 -2.71 -9.99
CA LEU B 205 23.15 -3.76 -9.35
C LEU B 205 22.08 -4.24 -10.30
N GLY B 206 21.49 -3.30 -11.02
CA GLY B 206 20.47 -3.59 -12.01
C GLY B 206 20.99 -4.50 -13.10
N ASP B 207 22.23 -4.28 -13.53
CA ASP B 207 22.83 -5.11 -14.55
C ASP B 207 23.07 -6.55 -14.07
N ASN B 208 23.25 -6.71 -12.75
CA ASN B 208 23.59 -8.01 -12.19
C ASN B 208 22.37 -8.88 -11.83
N ILE B 209 21.37 -8.28 -11.20
CA ILE B 209 20.26 -9.06 -10.67
C ILE B 209 19.04 -9.14 -11.60
N THR B 210 18.99 -8.29 -12.61
CA THR B 210 17.92 -8.35 -13.60
C THR B 210 18.17 -9.55 -14.51
N PRO B 211 17.15 -10.41 -14.68
CA PRO B 211 17.28 -11.60 -15.53
C PRO B 211 17.81 -11.25 -16.92
N LYS B 213 19.77 -8.88 -17.52
CA LYS B 213 21.15 -8.42 -17.33
C LYS B 213 21.42 -7.02 -17.87
N ARG B 214 20.42 -6.14 -17.76
CA ARG B 214 20.58 -4.73 -18.13
C ARG B 214 19.47 -3.88 -17.51
N ASN B 215 19.69 -2.57 -17.49
CA ASN B 215 18.61 -1.65 -17.15
C ASN B 215 17.73 -1.44 -18.36
N GLY B 216 16.51 -0.99 -18.14
CA GLY B 216 15.64 -0.60 -19.23
C GLY B 216 15.85 0.87 -19.55
N THR B 217 15.14 1.37 -20.56
CA THR B 217 15.21 2.79 -20.88
C THR B 217 13.91 3.48 -20.50
N ALA B 218 13.94 4.81 -20.39
CA ALA B 218 12.74 5.58 -20.12
C ALA B 218 11.74 5.39 -21.24
N ASP B 219 12.24 5.33 -22.47
CA ASP B 219 11.39 5.17 -23.64
C ASP B 219 10.61 3.86 -23.62
N GLU B 220 11.26 2.78 -23.18
CA GLU B 220 10.59 1.49 -23.05
C GLU B 220 9.43 1.59 -22.06
N VAL B 221 9.63 2.35 -21.00
CA VAL B 221 8.56 2.60 -20.03
C VAL B 221 7.46 3.45 -20.68
N ALA B 222 7.85 4.43 -21.48
CA ALA B 222 6.88 5.28 -22.16
C ALA B 222 5.99 4.50 -23.12
N ARG B 223 6.58 3.55 -23.84
CA ARG B 223 5.83 2.77 -24.82
C ARG B 223 4.72 1.96 -24.14
N ALA B 224 5.06 1.34 -23.01
CA ALA B 224 4.09 0.58 -22.25
C ALA B 224 2.97 1.47 -21.69
N VAL B 225 3.34 2.67 -21.23
CA VAL B 225 2.37 3.63 -20.72
C VAL B 225 1.35 4.04 -21.79
N LEU B 226 1.83 4.38 -22.97
CA LEU B 226 0.97 4.85 -24.05
C LEU B 226 0.17 3.72 -24.71
N PHE B 227 0.71 2.50 -24.66
CA PHE B 227 -0.04 1.34 -25.10
C PHE B 227 -1.26 1.14 -24.19
N LEU B 228 -1.02 1.17 -22.88
CA LEU B 228 -2.10 1.06 -21.91
C LEU B 228 -3.08 2.22 -22.08
N ALA B 229 -2.54 3.38 -22.41
CA ALA B 229 -3.35 4.59 -22.54
C ALA B 229 -4.34 4.51 -23.69
N PHE B 230 -3.85 4.14 -24.88
CA PHE B 230 -4.64 4.32 -26.09
C PHE B 230 -4.94 3.04 -26.89
N GLU B 231 -4.19 1.98 -26.64
CA GLU B 231 -4.38 0.75 -27.41
C GLU B 231 -5.02 -0.38 -26.60
N ALA B 232 -4.81 -0.37 -25.29
CA ALA B 232 -5.36 -1.42 -24.43
C ALA B 232 -6.79 -1.07 -24.01
N THR B 233 -7.70 -1.04 -24.98
CA THR B 233 -9.05 -0.58 -24.75
C THR B 233 -9.94 -1.61 -24.05
N PHE B 234 -9.43 -2.82 -23.88
CA PHE B 234 -10.15 -3.84 -23.12
C PHE B 234 -9.35 -4.28 -21.91
N THR B 235 -8.55 -3.36 -21.37
CA THR B 235 -7.70 -3.64 -20.22
C THR B 235 -7.91 -2.63 -19.10
N THR B 236 -8.34 -3.11 -17.93
CA THR B 236 -8.44 -2.26 -16.74
C THR B 236 -8.15 -3.08 -15.48
N GLY B 237 -7.66 -2.40 -14.45
CA GLY B 237 -7.27 -3.04 -13.21
C GLY B 237 -5.99 -3.84 -13.33
N ALA B 238 -5.28 -3.68 -14.45
CA ALA B 238 -4.15 -4.55 -14.77
C ALA B 238 -2.80 -3.91 -14.53
N LYS B 239 -1.76 -4.75 -14.57
CA LYS B 239 -0.39 -4.31 -14.41
C LYS B 239 0.44 -4.78 -15.60
N LEU B 240 1.38 -3.94 -16.03
CA LEU B 240 2.27 -4.33 -17.12
C LEU B 240 3.72 -4.11 -16.71
N ALA B 241 4.48 -5.20 -16.69
CA ALA B 241 5.85 -5.14 -16.19
C ALA B 241 6.82 -4.66 -17.26
N VAL B 242 7.72 -3.77 -16.86
CA VAL B 242 8.83 -3.34 -17.73
C VAL B 242 10.08 -3.43 -16.85
N ASP B 243 10.50 -4.66 -16.58
CA ASP B 243 11.47 -4.92 -15.53
C ASP B 243 12.54 -5.93 -15.92
N GLY B 244 12.63 -6.27 -17.20
CA GLY B 244 13.58 -7.26 -17.66
C GLY B 244 13.39 -8.62 -17.01
N GLY B 245 12.17 -8.88 -16.53
CA GLY B 245 11.86 -10.12 -15.86
C GLY B 245 12.07 -10.15 -14.34
N LEU B 246 12.50 -9.02 -13.77
CA LEU B 246 12.88 -8.99 -12.35
C LEU B 246 11.77 -9.40 -11.38
N GLY B 247 10.56 -8.91 -11.62
CA GLY B 247 9.45 -9.25 -10.76
C GLY B 247 8.67 -10.46 -11.23
N GLN B 248 9.27 -11.24 -12.13
CA GLN B 248 8.57 -12.37 -12.74
C GLN B 248 9.08 -13.74 -12.30
N LYS B 249 9.76 -13.78 -11.15
CA LYS B 249 10.21 -15.04 -10.54
C LYS B 249 11.00 -15.95 -11.50
N LEU B 250 11.91 -15.35 -12.26
CA LEU B 250 12.78 -16.12 -13.14
C LEU B 250 14.08 -16.45 -12.39
N SER B 251 14.30 -17.73 -12.13
CA SER B 251 15.45 -18.18 -11.36
C SER B 251 16.77 -18.01 -12.12
N THR B 252 17.71 -17.31 -11.49
CA THR B 252 19.04 -17.05 -12.04
C THR B 252 19.02 -16.14 -13.27
#